data_9FMF
#
_entry.id   9FMF
#
_cell.length_a   110.040
_cell.length_b   110.040
_cell.length_c   91.327
_cell.angle_alpha   90.00
_cell.angle_beta   90.00
_cell.angle_gamma   120.00
#
_symmetry.space_group_name_H-M   'P 31 2 1'
#
loop_
_entity.id
_entity.type
_entity.pdbx_description
1 polymer 'DNA polymerase I, thermostable'
2 polymer Primer
3 polymer 'DNA template'
4 non-polymer 'MAGNESIUM ION'
5 non-polymer '[[(2~{R},3~{S},5~{R})-5-[5-(5-fluoranyl-1-benzofuran-2-yl)-2,4-bis(oxidanylidene)pyrimidin-1-yl]-3-oxidanyl-oxolan-2-yl]methoxy-oxidanyl-phosphoryl] phosphono hydrogen phosphate'
6 non-polymer GLYCEROL
7 water water
#
loop_
_entity_poly.entity_id
_entity_poly.type
_entity_poly.pdbx_seq_one_letter_code
_entity_poly.pdbx_strand_id
1 'polypeptide(L)'
;ALEEAPWPPPEGAFVGFVLSRKEPMWADLLALAAARGGRVHRAPEPYKALRDLKEARGLLAKDLSVLALREGLGLPPGDD
PMLLAYLLDPSNTTPEGVARRYGGEWTEEAGERAALSERLFANLWGRLEGEERLLWLYREVERPLSAVLAHMEATGVRLD
VAYLRALSLEVAEEIARLEAEVFRLAGHPFNLNSRDQLERVLFDELGLPAIGKTEKTGKRSTSAAVLEALREAHPIVEKI
LQYRELTKLKSTYIDPLPDLIHPRTGRLHTRFNQTATATGRLSSSDPNLQNIPVRTPLGQRIRRAFIAEEGWLLVALDYS
QIELRVLAHLSGDENLIRVFQEGRDIHTETASWMFGVPREAVDPLMRRAAKTINFGVLYGMSAHRLSQELAIPYEEAQAF
IERYFQSFPKVRAWIEKTLEEGRRRGYVETLFGRRRYVPDLEARVKSVREAAERMAFNMPVQGTAADLMKLAMVKLFPRL
EEMGARMLLQVHDELVLEAPKERAEAVARLAKEVMEGVYPLAVPLEVEVGIGEDWLSAKE
;
A
2 'polydeoxyribonucleotide' (DG)(DA)(DC)(DC)(DA)(DC)(DG)(DG)(DC)(DC)(DA)(DOC) B
3 'polydeoxyribonucleotide' (DA)(DA)(DC)(DA)(DG)(DT)(DG)(DG)(DC)(DC)(DG)(DT)(DG)(DG)(DT)(DC) C
#
loop_
_chem_comp.id
_chem_comp.type
_chem_comp.name
_chem_comp.formula
A1IDW non-polymer '[[(2~{R},3~{S},5~{R})-5-[5-(5-fluoranyl-1-benzofuran-2-yl)-2,4-bis(oxidanylidene)pyrimidin-1-yl]-3-oxidanyl-oxolan-2-yl]methoxy-oxidanyl-phosphoryl] phosphono hydrogen phosphate' 'C17 H18 F N2 O15 P3'
DA DNA linking 2'-DEOXYADENOSINE-5'-MONOPHOSPHATE 'C10 H14 N5 O6 P'
DC DNA linking 2'-DEOXYCYTIDINE-5'-MONOPHOSPHATE 'C9 H14 N3 O7 P'
DG DNA linking 2'-DEOXYGUANOSINE-5'-MONOPHOSPHATE 'C10 H14 N5 O7 P'
DOC DNA linking 2',3'-DIDEOXYCYTIDINE-5'-MONOPHOSPHATE 'C9 H14 N3 O6 P'
DT DNA linking THYMIDINE-5'-MONOPHOSPHATE 'C10 H15 N2 O8 P'
GOL non-polymer GLYCEROL 'C3 H8 O3'
MG non-polymer 'MAGNESIUM ION' 'Mg 2'
#
# COMPACT_ATOMS: atom_id res chain seq x y z
N ALA A 1 -1.88 -18.46 -34.27
CA ALA A 1 -1.16 -18.39 -35.53
C ALA A 1 0.33 -18.56 -35.30
N LEU A 2 1.11 -17.58 -35.74
CA LEU A 2 2.58 -17.60 -35.68
C LEU A 2 3.06 -18.91 -36.29
N GLU A 3 4.21 -19.41 -35.84
CA GLU A 3 4.78 -20.64 -36.38
C GLU A 3 5.45 -21.40 -35.25
N GLU A 4 4.96 -22.61 -34.98
CA GLU A 4 5.59 -23.47 -33.99
C GLU A 4 7.04 -23.72 -34.37
N ALA A 5 7.95 -23.23 -33.52
CA ALA A 5 9.37 -23.42 -33.65
C ALA A 5 9.90 -24.21 -32.47
N PRO A 6 10.98 -24.97 -32.65
CA PRO A 6 11.50 -25.80 -31.56
C PRO A 6 12.08 -24.94 -30.43
N TRP A 7 11.65 -25.26 -29.21
CA TRP A 7 12.33 -24.76 -28.03
C TRP A 7 13.79 -25.23 -28.05
N PRO A 8 14.75 -24.39 -27.61
CA PRO A 8 14.63 -23.08 -26.94
C PRO A 8 14.38 -21.88 -27.87
N PRO A 9 14.00 -20.73 -27.31
CA PRO A 9 13.73 -19.54 -28.13
C PRO A 9 14.99 -18.70 -28.28
N PRO A 10 15.03 -17.81 -29.28
CA PRO A 10 16.17 -16.90 -29.40
C PRO A 10 16.20 -15.90 -28.24
N GLU A 11 17.31 -15.17 -28.15
CA GLU A 11 17.45 -14.19 -27.07
C GLU A 11 16.39 -13.09 -27.20
N GLY A 12 15.99 -12.56 -26.04
CA GLY A 12 15.08 -11.44 -26.03
C GLY A 12 13.68 -11.74 -26.52
N ALA A 13 13.24 -12.99 -26.41
CA ALA A 13 11.87 -13.30 -26.76
C ALA A 13 10.94 -12.83 -25.65
N PHE A 14 9.63 -12.90 -25.94
CA PHE A 14 8.59 -12.58 -24.97
C PHE A 14 7.99 -13.87 -24.43
N VAL A 15 8.01 -14.01 -23.12
CA VAL A 15 7.59 -15.25 -22.48
C VAL A 15 6.15 -15.11 -22.00
N GLY A 16 5.36 -16.16 -22.20
CA GLY A 16 4.06 -16.32 -21.59
C GLY A 16 4.08 -17.59 -20.77
N PHE A 17 3.24 -17.69 -19.74
CA PHE A 17 3.31 -18.84 -18.86
C PHE A 17 1.96 -18.94 -18.16
N VAL A 18 1.66 -20.14 -17.67
CA VAL A 18 0.42 -20.37 -16.95
C VAL A 18 0.77 -20.93 -15.57
N LEU A 19 0.14 -20.39 -14.54
CA LEU A 19 0.34 -20.82 -13.16
C LEU A 19 -0.87 -21.60 -12.68
N SER A 20 -0.65 -22.50 -11.73
CA SER A 20 -1.77 -23.17 -11.09
C SER A 20 -2.59 -22.23 -10.22
N ARG A 21 -2.02 -21.10 -9.79
CA ARG A 21 -2.72 -20.16 -8.92
C ARG A 21 -1.96 -18.84 -8.95
N LYS A 22 -2.62 -17.79 -8.47
CA LYS A 22 -2.12 -16.45 -8.72
C LYS A 22 -0.84 -16.15 -7.95
N GLU A 23 -0.56 -16.88 -6.85
CA GLU A 23 0.57 -16.55 -5.98
C GLU A 23 1.83 -17.24 -6.48
N PRO A 24 2.83 -16.51 -7.02
CA PRO A 24 4.02 -17.18 -7.56
C PRO A 24 4.73 -18.12 -6.60
N MET A 25 4.84 -17.77 -5.32
CA MET A 25 5.56 -18.66 -4.42
C MET A 25 4.84 -19.98 -4.18
N TRP A 26 3.53 -20.07 -4.45
CA TRP A 26 2.76 -21.29 -4.18
C TRP A 26 2.33 -22.04 -5.43
N ALA A 27 2.61 -21.53 -6.63
CA ALA A 27 2.04 -22.05 -7.86
C ALA A 27 2.95 -23.06 -8.54
N ASP A 28 2.32 -24.02 -9.22
CA ASP A 28 2.97 -24.94 -10.14
C ASP A 28 3.00 -24.29 -11.52
N LEU A 29 4.12 -24.42 -12.23
CA LEU A 29 4.27 -23.82 -13.56
C LEU A 29 3.73 -24.80 -14.59
N LEU A 30 2.51 -24.54 -15.07
CA LEU A 30 1.85 -25.49 -15.94
C LEU A 30 2.42 -25.48 -17.36
N ALA A 31 2.66 -24.29 -17.91
CA ALA A 31 3.10 -24.17 -19.29
C ALA A 31 4.05 -22.98 -19.42
N LEU A 32 5.00 -23.11 -20.33
CA LEU A 32 5.97 -22.07 -20.61
C LEU A 32 6.12 -21.93 -22.12
N ALA A 33 6.25 -20.70 -22.59
CA ALA A 33 6.32 -20.44 -24.02
C ALA A 33 7.09 -19.15 -24.26
N ALA A 34 7.46 -18.91 -25.51
CA ALA A 34 8.18 -17.69 -25.86
C ALA A 34 7.92 -17.35 -27.32
N ALA A 35 8.16 -16.09 -27.67
CA ALA A 35 7.96 -15.66 -29.05
C ALA A 35 8.89 -14.49 -29.37
N ARG A 36 9.61 -14.61 -30.49
CA ARG A 36 10.29 -13.48 -31.12
C ARG A 36 10.24 -13.68 -32.62
N GLY A 37 9.89 -12.63 -33.35
CA GLY A 37 9.54 -12.75 -34.74
C GLY A 37 8.12 -13.25 -34.92
N GLY A 38 7.93 -14.12 -35.91
CA GLY A 38 6.64 -14.74 -36.13
C GLY A 38 6.66 -16.17 -35.64
N ARG A 39 7.49 -16.43 -34.62
CA ARG A 39 7.69 -17.77 -34.09
C ARG A 39 7.24 -17.80 -32.64
N VAL A 40 6.45 -18.82 -32.30
CA VAL A 40 6.07 -19.12 -30.93
C VAL A 40 6.70 -20.45 -30.55
N HIS A 41 7.47 -20.45 -29.46
CA HIS A 41 8.15 -21.65 -28.98
C HIS A 41 7.43 -22.16 -27.75
N ARG A 42 7.22 -23.48 -27.69
CA ARG A 42 6.52 -24.09 -26.57
C ARG A 42 7.44 -25.10 -25.87
N ALA A 43 7.51 -25.01 -24.56
CA ALA A 43 8.44 -25.84 -23.80
C ALA A 43 7.85 -27.23 -23.56
N PRO A 44 8.58 -28.31 -23.89
CA PRO A 44 8.09 -29.65 -23.50
C PRO A 44 7.91 -29.81 -22.01
N GLU A 45 8.88 -29.37 -21.21
CA GLU A 45 8.79 -29.43 -19.75
C GLU A 45 9.10 -28.04 -19.19
N PRO A 46 8.15 -27.38 -18.49
CA PRO A 46 8.35 -25.97 -18.11
C PRO A 46 9.47 -25.74 -17.09
N TYR A 47 9.64 -26.63 -16.11
CA TYR A 47 10.61 -26.36 -15.06
C TYR A 47 12.05 -26.46 -15.56
N LYS A 48 12.32 -27.34 -16.52
CA LYS A 48 13.65 -27.43 -17.11
C LYS A 48 13.90 -26.28 -18.08
N ALA A 49 12.89 -25.95 -18.90
CA ALA A 49 12.99 -24.85 -19.85
C ALA A 49 13.18 -23.48 -19.19
N LEU A 50 12.94 -23.35 -17.87
CA LEU A 50 13.32 -22.11 -17.19
C LEU A 50 14.83 -21.90 -17.19
N ARG A 51 15.63 -22.98 -17.17
CA ARG A 51 17.08 -22.84 -17.23
C ARG A 51 17.53 -22.04 -18.45
N ASP A 52 16.82 -22.17 -19.57
CA ASP A 52 17.30 -21.60 -20.84
C ASP A 52 17.15 -20.09 -20.91
N LEU A 53 16.20 -19.51 -20.19
CA LEU A 53 15.96 -18.08 -20.30
C LEU A 53 16.98 -17.28 -19.51
N LYS A 54 17.43 -16.17 -20.09
CA LYS A 54 18.29 -15.25 -19.37
C LYS A 54 17.52 -14.09 -18.72
N GLU A 55 16.32 -13.78 -19.20
CA GLU A 55 15.51 -12.70 -18.66
C GLU A 55 14.05 -13.02 -18.82
N ALA A 56 13.23 -12.52 -17.91
CA ALA A 56 11.78 -12.58 -18.03
C ALA A 56 11.29 -11.30 -18.68
N ARG A 57 10.79 -11.39 -19.91
CA ARG A 57 10.21 -10.26 -20.64
C ARG A 57 8.79 -10.60 -21.06
N GLY A 58 7.82 -9.89 -20.54
CA GLY A 58 6.45 -10.13 -20.93
C GLY A 58 5.46 -9.75 -19.85
N LEU A 59 4.19 -10.02 -20.14
CA LEU A 59 3.13 -9.75 -19.18
C LEU A 59 3.40 -10.48 -17.87
N LEU A 60 3.30 -9.75 -16.77
CA LEU A 60 3.51 -10.33 -15.43
C LEU A 60 4.90 -10.94 -15.28
N ALA A 61 5.92 -10.24 -15.79
CA ALA A 61 7.29 -10.75 -15.73
C ALA A 61 7.75 -10.99 -14.30
N LYS A 62 7.47 -10.06 -13.38
CA LYS A 62 7.90 -10.20 -12.00
C LYS A 62 7.45 -11.53 -11.41
N ASP A 63 6.23 -11.95 -11.72
CA ASP A 63 5.70 -13.19 -11.16
C ASP A 63 6.55 -14.39 -11.53
N LEU A 64 6.96 -14.48 -12.81
CA LEU A 64 7.77 -15.63 -13.22
C LEU A 64 9.17 -15.53 -12.63
N SER A 65 9.71 -14.31 -12.55
CA SER A 65 11.00 -14.14 -11.89
C SER A 65 10.95 -14.58 -10.43
N VAL A 66 9.83 -14.33 -9.75
CA VAL A 66 9.71 -14.80 -8.37
C VAL A 66 9.72 -16.33 -8.33
N LEU A 67 8.91 -16.97 -9.19
CA LEU A 67 8.91 -18.43 -9.22
C LEU A 67 10.30 -18.98 -9.56
N ALA A 68 11.05 -18.25 -10.39
CA ALA A 68 12.41 -18.68 -10.69
C ALA A 68 13.30 -18.60 -9.45
N LEU A 69 13.20 -17.51 -8.69
CA LEU A 69 14.03 -17.41 -7.49
C LEU A 69 13.68 -18.50 -6.49
N ARG A 70 12.41 -18.90 -6.45
CA ARG A 70 11.99 -19.98 -5.55
C ARG A 70 12.68 -21.31 -5.90
N GLU A 71 13.07 -21.51 -7.16
CA GLU A 71 13.84 -22.67 -7.57
C GLU A 71 15.33 -22.36 -7.66
N GLY A 72 15.78 -21.26 -7.05
CA GLY A 72 17.19 -20.92 -7.03
C GLY A 72 17.79 -20.53 -8.38
N LEU A 73 17.03 -19.80 -9.19
CA LEU A 73 17.47 -19.38 -10.51
C LEU A 73 17.39 -17.87 -10.59
N GLY A 74 18.52 -17.21 -10.76
CA GLY A 74 18.54 -15.78 -10.94
C GLY A 74 18.10 -15.41 -12.35
N LEU A 75 16.82 -15.10 -12.50
CA LEU A 75 16.22 -14.78 -13.80
C LEU A 75 15.50 -13.46 -13.61
N PRO A 76 16.17 -12.33 -13.81
CA PRO A 76 15.57 -11.05 -13.47
C PRO A 76 14.46 -10.69 -14.44
N PRO A 77 13.44 -9.97 -13.99
CA PRO A 77 12.40 -9.51 -14.92
C PRO A 77 12.84 -8.28 -15.68
N GLY A 78 12.49 -8.25 -16.96
CA GLY A 78 12.75 -7.07 -17.77
C GLY A 78 11.48 -6.35 -18.21
N ASP A 79 11.37 -6.10 -19.52
CA ASP A 79 10.21 -5.36 -20.02
C ASP A 79 8.91 -6.08 -19.68
N ASP A 80 7.93 -5.30 -19.25
CA ASP A 80 6.60 -5.86 -19.02
C ASP A 80 5.59 -4.89 -19.61
N PRO A 81 4.84 -5.29 -20.63
CA PRO A 81 3.84 -4.36 -21.19
C PRO A 81 2.83 -3.83 -20.16
N MET A 82 2.52 -4.59 -19.10
CA MET A 82 1.67 -4.07 -18.02
C MET A 82 2.21 -2.76 -17.48
N LEU A 83 3.54 -2.68 -17.32
CA LEU A 83 4.16 -1.48 -16.75
C LEU A 83 4.03 -0.30 -17.68
N LEU A 84 4.08 -0.52 -18.99
CA LEU A 84 3.85 0.58 -19.92
C LEU A 84 2.39 1.05 -19.86
N ALA A 85 1.44 0.12 -19.95
CA ALA A 85 0.03 0.51 -19.89
C ALA A 85 -0.26 1.26 -18.60
N TYR A 86 0.33 0.82 -17.47
CA TYR A 86 0.07 1.43 -16.17
C TYR A 86 0.59 2.87 -16.09
N LEU A 87 1.65 3.17 -16.83
CA LEU A 87 2.16 4.53 -16.89
C LEU A 87 1.37 5.39 -17.88
N LEU A 88 0.78 4.78 -18.92
CA LEU A 88 -0.12 5.49 -19.82
C LEU A 88 -1.39 5.95 -19.09
N ASP A 89 -1.96 5.08 -18.27
CA ASP A 89 -3.20 5.30 -17.54
C ASP A 89 -3.26 4.33 -16.35
N PRO A 90 -3.22 4.80 -15.11
CA PRO A 90 -3.17 3.85 -13.98
C PRO A 90 -4.43 3.03 -13.82
N SER A 91 -5.47 3.25 -14.63
CA SER A 91 -6.57 2.30 -14.59
C SER A 91 -6.27 1.04 -15.39
N ASN A 92 -5.12 0.97 -16.08
CA ASN A 92 -4.65 -0.27 -16.71
C ASN A 92 -3.99 -1.13 -15.65
N THR A 93 -4.77 -2.00 -14.97
CA THR A 93 -4.25 -2.74 -13.81
C THR A 93 -4.24 -4.25 -13.95
N THR A 94 -5.05 -4.83 -14.83
CA THR A 94 -5.02 -6.26 -15.03
C THR A 94 -4.77 -6.55 -16.51
N PRO A 95 -4.21 -7.72 -16.82
CA PRO A 95 -4.02 -8.07 -18.24
C PRO A 95 -5.31 -8.29 -19.01
N GLU A 96 -6.40 -8.70 -18.37
CA GLU A 96 -7.69 -8.77 -19.07
C GLU A 96 -8.04 -7.43 -19.68
N GLY A 97 -7.91 -6.35 -18.90
CA GLY A 97 -8.26 -5.03 -19.39
C GLY A 97 -7.26 -4.50 -20.41
N VAL A 98 -5.97 -4.74 -20.19
CA VAL A 98 -4.95 -4.17 -21.07
C VAL A 98 -5.04 -4.79 -22.46
N ALA A 99 -5.06 -6.13 -22.53
CA ALA A 99 -5.23 -6.76 -23.84
C ALA A 99 -6.50 -6.28 -24.54
N ARG A 100 -7.62 -6.18 -23.80
CA ARG A 100 -8.85 -5.64 -24.35
C ARG A 100 -8.88 -4.10 -24.33
N ARG A 101 -7.73 -3.49 -24.64
CA ARG A 101 -7.66 -2.06 -24.85
C ARG A 101 -6.53 -1.75 -25.84
N TYR A 102 -5.73 -2.75 -26.19
CA TYR A 102 -4.58 -2.46 -27.05
C TYR A 102 -4.30 -3.58 -28.06
N GLY A 103 -5.20 -4.54 -28.26
CA GLY A 103 -5.08 -5.43 -29.41
C GLY A 103 -4.79 -6.89 -29.14
N GLY A 104 -5.56 -7.51 -28.26
CA GLY A 104 -5.46 -8.94 -28.06
C GLY A 104 -6.50 -9.44 -27.09
N GLU A 105 -6.33 -10.71 -26.70
CA GLU A 105 -7.20 -11.36 -25.73
C GLU A 105 -6.36 -12.22 -24.80
N TRP A 106 -6.50 -12.00 -23.49
CA TRP A 106 -5.71 -12.70 -22.48
C TRP A 106 -6.35 -14.05 -22.21
N THR A 107 -5.75 -15.11 -22.74
CA THR A 107 -6.31 -16.45 -22.65
C THR A 107 -5.61 -17.23 -21.54
N GLU A 108 -5.69 -18.56 -21.60
CA GLU A 108 -5.14 -19.43 -20.56
C GLU A 108 -4.04 -20.35 -21.07
N GLU A 109 -3.38 -20.00 -22.18
CA GLU A 109 -2.36 -20.86 -22.78
C GLU A 109 -1.08 -20.06 -22.99
N ALA A 110 0.05 -20.65 -22.60
CA ALA A 110 1.30 -19.89 -22.53
C ALA A 110 1.70 -19.30 -23.87
N GLY A 111 1.57 -20.08 -24.94
CA GLY A 111 1.96 -19.58 -26.25
C GLY A 111 1.17 -18.35 -26.65
N GLU A 112 -0.15 -18.41 -26.46
CA GLU A 112 -1.01 -17.27 -26.80
C GLU A 112 -0.67 -16.06 -25.94
N ARG A 113 -0.34 -16.28 -24.67
CA ARG A 113 0.11 -15.21 -23.80
C ARG A 113 1.48 -14.70 -24.20
N ALA A 114 2.36 -15.57 -24.70
CA ALA A 114 3.65 -15.12 -25.20
C ALA A 114 3.47 -14.21 -26.42
N ALA A 115 2.71 -14.66 -27.42
CA ALA A 115 2.51 -13.85 -28.62
C ALA A 115 1.77 -12.56 -28.31
N LEU A 116 0.90 -12.57 -27.29
CA LEU A 116 0.23 -11.35 -26.87
C LEU A 116 1.23 -10.36 -26.25
N SER A 117 2.13 -10.85 -25.39
CA SER A 117 3.15 -9.97 -24.83
C SER A 117 4.02 -9.35 -25.91
N GLU A 118 4.22 -10.06 -27.03
CA GLU A 118 5.04 -9.53 -28.12
C GLU A 118 4.34 -8.34 -28.79
N ARG A 119 3.07 -8.52 -29.16
CA ARG A 119 2.32 -7.45 -29.82
C ARG A 119 1.94 -6.33 -28.84
N LEU A 120 1.50 -6.70 -27.62
CA LEU A 120 1.15 -5.66 -26.65
C LEU A 120 2.33 -4.75 -26.35
N PHE A 121 3.55 -5.28 -26.40
CA PHE A 121 4.70 -4.44 -26.15
C PHE A 121 4.96 -3.49 -27.30
N ALA A 122 4.88 -3.98 -28.54
CA ALA A 122 5.06 -3.12 -29.71
C ALA A 122 4.10 -1.95 -29.66
N ASN A 123 2.83 -2.22 -29.41
CA ASN A 123 1.82 -1.18 -29.42
C ASN A 123 2.12 -0.11 -28.38
N LEU A 124 2.20 -0.51 -27.10
CA LEU A 124 2.32 0.48 -26.04
C LEU A 124 3.66 1.22 -26.10
N TRP A 125 4.74 0.52 -26.45
CA TRP A 125 6.02 1.20 -26.63
C TRP A 125 5.95 2.26 -27.72
N GLY A 126 5.13 2.03 -28.77
CA GLY A 126 4.90 3.07 -29.74
C GLY A 126 4.11 4.25 -29.18
N ARG A 127 3.09 3.95 -28.36
CA ARG A 127 2.29 4.98 -27.71
C ARG A 127 3.06 5.81 -26.71
N LEU A 128 4.25 5.38 -26.30
CA LEU A 128 5.07 6.14 -25.37
C LEU A 128 6.21 6.86 -26.05
N GLU A 129 6.26 6.83 -27.38
CA GLU A 129 7.25 7.64 -28.08
C GLU A 129 6.92 9.11 -27.87
N GLY A 130 7.89 9.89 -27.41
CA GLY A 130 7.70 11.28 -27.16
C GLY A 130 7.17 11.63 -25.79
N GLU A 131 6.78 10.64 -24.99
CA GLU A 131 6.41 10.88 -23.60
C GLU A 131 7.64 10.67 -22.71
N GLU A 132 8.63 11.55 -22.91
CA GLU A 132 9.95 11.30 -22.34
C GLU A 132 9.92 11.19 -20.81
N ARG A 133 8.99 11.89 -20.15
CA ARG A 133 8.92 11.75 -18.71
C ARG A 133 8.37 10.40 -18.29
N LEU A 134 7.35 9.90 -18.99
CA LEU A 134 6.84 8.55 -18.68
C LEU A 134 7.85 7.49 -19.08
N LEU A 135 8.57 7.71 -20.18
CA LEU A 135 9.68 6.82 -20.53
C LEU A 135 10.78 6.88 -19.49
N TRP A 136 10.88 8.02 -18.79
CA TRP A 136 11.86 8.11 -17.71
C TRP A 136 11.41 7.30 -16.51
N LEU A 137 10.17 7.51 -16.06
CA LEU A 137 9.63 6.68 -14.99
C LEU A 137 9.76 5.20 -15.30
N TYR A 138 9.67 4.83 -16.57
CA TYR A 138 9.71 3.41 -16.91
C TYR A 138 11.12 2.86 -16.79
N ARG A 139 12.09 3.53 -17.42
CA ARG A 139 13.46 2.99 -17.41
C ARG A 139 14.15 3.20 -16.07
N GLU A 140 13.83 4.27 -15.37
CA GLU A 140 14.57 4.62 -14.18
C GLU A 140 13.92 4.14 -12.89
N VAL A 141 12.61 3.93 -12.87
CA VAL A 141 11.95 3.56 -11.63
C VAL A 141 11.26 2.22 -11.77
N GLU A 142 10.34 2.12 -12.73
CA GLU A 142 9.39 1.02 -12.69
C GLU A 142 10.02 -0.30 -13.13
N ARG A 143 10.71 -0.30 -14.27
CA ARG A 143 11.33 -1.55 -14.70
C ARG A 143 12.41 -2.03 -13.73
N PRO A 144 13.35 -1.20 -13.27
CA PRO A 144 14.27 -1.68 -12.23
C PRO A 144 13.54 -2.16 -10.98
N LEU A 145 12.47 -1.48 -10.59
CA LEU A 145 11.81 -1.84 -9.35
C LEU A 145 11.27 -3.26 -9.40
N SER A 146 10.79 -3.70 -10.56
CA SER A 146 10.19 -5.04 -10.60
C SER A 146 11.19 -6.10 -10.16
N ALA A 147 12.49 -5.87 -10.44
CA ALA A 147 13.54 -6.77 -9.95
C ALA A 147 13.64 -6.72 -8.44
N VAL A 148 13.66 -5.51 -7.86
CA VAL A 148 13.73 -5.37 -6.41
C VAL A 148 12.56 -6.11 -5.76
N LEU A 149 11.34 -5.84 -6.22
CA LEU A 149 10.18 -6.50 -5.61
C LEU A 149 10.24 -8.01 -5.77
N ALA A 150 10.82 -8.51 -6.86
CA ALA A 150 10.92 -9.96 -7.03
C ALA A 150 11.77 -10.58 -5.94
N HIS A 151 12.86 -9.90 -5.58
CA HIS A 151 13.70 -10.42 -4.50
C HIS A 151 13.04 -10.23 -3.14
N MET A 152 12.22 -9.19 -2.97
CA MET A 152 11.47 -9.08 -1.73
C MET A 152 10.46 -10.22 -1.63
N GLU A 153 9.67 -10.42 -2.71
CA GLU A 153 8.64 -11.44 -2.67
C GLU A 153 9.22 -12.82 -2.34
N ALA A 154 10.36 -13.16 -2.94
CA ALA A 154 10.92 -14.49 -2.80
C ALA A 154 11.62 -14.70 -1.47
N THR A 155 12.02 -13.61 -0.80
CA THR A 155 12.71 -13.72 0.48
C THR A 155 11.72 -13.93 1.63
N GLY A 156 10.68 -13.16 1.68
CA GLY A 156 9.69 -13.32 2.71
C GLY A 156 10.17 -12.75 4.02
N VAL A 157 9.36 -12.96 5.05
CA VAL A 157 9.68 -12.48 6.38
C VAL A 157 9.41 -13.61 7.35
N ARG A 158 10.20 -13.65 8.43
CA ARG A 158 10.03 -14.67 9.45
C ARG A 158 8.92 -14.29 10.42
N LEU A 159 8.14 -15.28 10.83
CA LEU A 159 7.01 -15.08 11.71
C LEU A 159 7.12 -15.99 12.93
N ASP A 160 6.78 -15.48 14.12
CA ASP A 160 6.76 -16.29 15.35
C ASP A 160 5.44 -17.07 15.46
N VAL A 161 5.41 -18.27 14.87
CA VAL A 161 4.17 -19.02 14.71
C VAL A 161 3.68 -19.55 16.05
N ALA A 162 4.56 -20.17 16.83
CA ALA A 162 4.13 -20.72 18.11
C ALA A 162 3.51 -19.64 18.98
N TYR A 163 4.01 -18.42 18.84
CA TYR A 163 3.51 -17.29 19.62
C TYR A 163 2.13 -16.86 19.15
N LEU A 164 1.86 -16.96 17.85
CA LEU A 164 0.56 -16.58 17.35
C LEU A 164 -0.48 -17.65 17.66
N ARG A 165 -0.10 -18.93 17.58
CA ARG A 165 -0.98 -19.98 18.09
C ARG A 165 -1.40 -19.67 19.51
N ALA A 166 -0.43 -19.35 20.38
CA ALA A 166 -0.75 -19.11 21.79
C ALA A 166 -1.64 -17.87 21.94
N LEU A 167 -1.32 -16.83 21.19
CA LEU A 167 -2.11 -15.59 21.27
C LEU A 167 -3.54 -15.85 20.82
N SER A 168 -3.74 -16.72 19.83
CA SER A 168 -5.08 -17.07 19.37
C SER A 168 -5.97 -17.59 20.50
N LEU A 169 -5.47 -18.57 21.27
CA LEU A 169 -6.27 -19.15 22.36
C LEU A 169 -6.61 -18.10 23.42
N GLU A 170 -5.67 -17.20 23.73
CA GLU A 170 -5.93 -16.15 24.69
C GLU A 170 -7.03 -15.21 24.21
N VAL A 171 -6.95 -14.79 22.93
CA VAL A 171 -7.94 -13.87 22.40
C VAL A 171 -9.30 -14.56 22.32
N ALA A 172 -9.30 -15.84 21.97
CA ALA A 172 -10.56 -16.57 21.87
C ALA A 172 -11.30 -16.56 23.20
N GLU A 173 -10.59 -16.81 24.30
CA GLU A 173 -11.26 -16.82 25.59
C GLU A 173 -11.79 -15.43 25.95
N GLU A 174 -11.12 -14.37 25.48
CA GLU A 174 -11.60 -13.03 25.78
C GLU A 174 -12.77 -12.64 24.89
N ILE A 175 -12.77 -13.10 23.64
CA ILE A 175 -13.94 -12.86 22.78
C ILE A 175 -15.17 -13.48 23.40
N ALA A 176 -15.02 -14.68 23.96
CA ALA A 176 -16.17 -15.34 24.57
C ALA A 176 -16.72 -14.55 25.77
N ARG A 177 -15.84 -13.89 26.53
CA ARG A 177 -16.30 -13.10 27.67
C ARG A 177 -17.14 -11.91 27.21
N LEU A 178 -16.76 -11.28 26.09
CA LEU A 178 -17.51 -10.13 25.58
C LEU A 178 -18.82 -10.55 24.91
N GLU A 179 -18.78 -11.62 24.12
CA GLU A 179 -20.00 -12.15 23.53
C GLU A 179 -21.08 -12.38 24.57
N ALA A 180 -20.73 -13.10 25.63
CA ALA A 180 -21.68 -13.39 26.69
C ALA A 180 -22.18 -12.11 27.37
N GLU A 181 -21.29 -11.13 27.56
CA GLU A 181 -21.68 -9.86 28.16
C GLU A 181 -22.47 -8.98 27.21
N VAL A 182 -22.59 -9.37 25.94
CA VAL A 182 -23.47 -8.70 25.00
C VAL A 182 -24.79 -9.46 24.86
N PHE A 183 -24.72 -10.79 24.83
CA PHE A 183 -25.93 -11.60 24.82
C PHE A 183 -26.79 -11.30 26.05
N ARG A 184 -26.14 -11.03 27.17
CA ARG A 184 -26.88 -10.75 28.39
C ARG A 184 -27.49 -9.35 28.31
N LEU A 185 -26.66 -8.33 28.09
CA LEU A 185 -27.14 -6.96 27.91
C LEU A 185 -28.21 -6.84 26.84
N ALA A 186 -28.47 -7.89 26.06
CA ALA A 186 -29.47 -7.86 25.01
C ALA A 186 -30.58 -8.86 25.24
N GLY A 187 -30.55 -9.58 26.35
CA GLY A 187 -31.63 -10.47 26.71
C GLY A 187 -31.71 -11.75 25.90
N HIS A 188 -30.82 -11.95 24.93
CA HIS A 188 -30.85 -13.19 24.15
C HIS A 188 -29.58 -13.34 23.31
N PRO A 189 -29.38 -14.49 22.66
CA PRO A 189 -28.22 -14.64 21.79
C PRO A 189 -28.58 -14.49 20.32
N PHE A 190 -27.68 -13.85 19.57
CA PHE A 190 -27.81 -13.66 18.13
C PHE A 190 -26.39 -13.70 17.57
N ASN A 191 -26.26 -13.72 16.24
CA ASN A 191 -24.93 -13.70 15.63
C ASN A 191 -24.38 -12.29 15.71
N LEU A 192 -23.38 -12.09 16.56
CA LEU A 192 -22.79 -10.77 16.73
C LEU A 192 -22.01 -10.30 15.50
N ASN A 193 -21.61 -11.21 14.60
CA ASN A 193 -20.92 -10.80 13.38
C ASN A 193 -21.86 -10.41 12.25
N SER A 194 -23.14 -10.73 12.35
CA SER A 194 -24.10 -10.35 11.33
C SER A 194 -24.51 -8.92 11.60
N ARG A 195 -24.13 -8.00 10.69
CA ARG A 195 -24.47 -6.61 10.93
C ARG A 195 -25.96 -6.38 10.87
N ASP A 196 -26.68 -7.21 10.11
CA ASP A 196 -28.13 -7.06 10.04
C ASP A 196 -28.79 -7.39 11.37
N GLN A 197 -28.44 -8.54 11.96
CA GLN A 197 -28.98 -8.88 13.28
C GLN A 197 -28.69 -7.78 14.30
N LEU A 198 -27.42 -7.36 14.40
CA LEU A 198 -27.04 -6.31 15.33
C LEU A 198 -27.83 -5.03 15.11
N GLU A 199 -28.17 -4.71 13.86
CA GLU A 199 -29.00 -3.54 13.60
C GLU A 199 -30.33 -3.64 14.33
N ARG A 200 -30.99 -4.81 14.24
CA ARG A 200 -32.28 -5.00 14.90
C ARG A 200 -32.16 -4.85 16.41
N VAL A 201 -31.12 -5.44 16.98
CA VAL A 201 -30.95 -5.34 18.43
C VAL A 201 -30.71 -3.90 18.83
N LEU A 202 -29.72 -3.24 18.22
CA LEU A 202 -29.36 -1.91 18.68
C LEU A 202 -30.51 -0.92 18.47
N PHE A 203 -31.14 -0.96 17.29
CA PHE A 203 -32.05 0.11 16.89
C PHE A 203 -33.53 -0.23 16.96
N ASP A 204 -33.90 -1.51 17.01
CA ASP A 204 -35.31 -1.89 17.18
C ASP A 204 -35.60 -2.35 18.59
N GLU A 205 -35.03 -3.49 19.01
CA GLU A 205 -35.34 -4.04 20.33
C GLU A 205 -34.89 -3.10 21.44
N LEU A 206 -33.64 -2.67 21.43
CA LEU A 206 -33.26 -1.54 22.25
C LEU A 206 -33.78 -0.25 21.60
N GLY A 207 -33.53 0.88 22.25
CA GLY A 207 -34.10 2.12 21.77
C GLY A 207 -33.15 3.08 21.11
N LEU A 208 -31.94 2.65 20.77
CA LEU A 208 -30.89 3.58 20.42
C LEU A 208 -31.22 4.28 19.11
N PRO A 209 -30.81 5.55 18.98
CA PRO A 209 -31.13 6.31 17.76
C PRO A 209 -30.13 6.05 16.64
N ALA A 210 -30.65 5.73 15.47
CA ALA A 210 -29.83 5.44 14.29
C ALA A 210 -29.20 6.71 13.76
N ILE A 211 -27.89 6.83 13.88
CA ILE A 211 -27.22 8.06 13.48
C ILE A 211 -27.14 8.17 11.96
N GLY A 212 -26.88 7.06 11.26
CA GLY A 212 -26.61 7.15 9.84
C GLY A 212 -26.96 5.88 9.09
N LYS A 213 -26.89 5.99 7.76
CA LYS A 213 -27.32 4.95 6.83
C LYS A 213 -26.15 4.45 6.00
N THR A 214 -26.30 3.24 5.46
CA THR A 214 -25.30 2.63 4.59
C THR A 214 -25.51 3.09 3.16
N GLU A 215 -24.46 2.96 2.36
CA GLU A 215 -24.42 3.63 1.07
C GLU A 215 -25.32 2.92 0.05
N LYS A 216 -25.10 1.63 -0.17
CA LYS A 216 -25.75 0.98 -1.30
C LYS A 216 -27.19 0.59 -0.99
N THR A 217 -27.45 0.08 0.22
CA THR A 217 -28.73 -0.52 0.55
C THR A 217 -29.56 0.30 1.52
N GLY A 218 -28.99 1.34 2.13
CA GLY A 218 -29.77 2.23 2.97
C GLY A 218 -30.23 1.62 4.28
N LYS A 219 -29.47 0.66 4.80
CA LYS A 219 -29.71 0.14 6.12
C LYS A 219 -29.17 1.12 7.17
N ARG A 220 -29.63 0.95 8.40
CA ARG A 220 -29.09 1.77 9.48
C ARG A 220 -27.70 1.27 9.82
N SER A 221 -26.74 2.19 9.91
CA SER A 221 -25.35 1.79 10.04
C SER A 221 -24.98 1.42 11.48
N THR A 222 -24.16 0.38 11.63
CA THR A 222 -23.54 0.01 12.89
C THR A 222 -22.02 0.18 12.85
N SER A 223 -21.52 1.19 12.15
CA SER A 223 -20.10 1.38 12.04
C SER A 223 -19.56 1.99 13.31
N ALA A 224 -18.23 1.98 13.43
CA ALA A 224 -17.60 2.50 14.64
C ALA A 224 -17.89 3.98 14.80
N ALA A 225 -17.86 4.73 13.69
CA ALA A 225 -18.19 6.15 13.78
C ALA A 225 -19.57 6.35 14.40
N VAL A 226 -20.53 5.50 14.04
CA VAL A 226 -21.88 5.60 14.59
C VAL A 226 -21.89 5.14 16.04
N LEU A 227 -21.28 3.98 16.31
CA LEU A 227 -21.29 3.45 17.67
C LEU A 227 -20.52 4.34 18.63
N GLU A 228 -19.47 5.01 18.15
CA GLU A 228 -18.69 5.88 19.03
C GLU A 228 -19.54 7.03 19.56
N ALA A 229 -20.42 7.57 18.72
CA ALA A 229 -21.33 8.62 19.15
C ALA A 229 -22.52 8.09 19.94
N LEU A 230 -22.61 6.78 20.15
CA LEU A 230 -23.61 6.14 21.01
C LEU A 230 -22.99 5.49 22.23
N ARG A 231 -21.76 5.87 22.59
CA ARG A 231 -21.19 5.40 23.84
C ARG A 231 -21.79 6.16 25.01
N GLU A 232 -21.82 5.49 26.18
CA GLU A 232 -22.49 5.96 27.39
C GLU A 232 -24.01 5.93 27.22
N ALA A 233 -24.49 6.23 26.00
CA ALA A 233 -25.90 6.04 25.65
C ALA A 233 -26.35 4.60 25.86
N HIS A 234 -25.40 3.67 25.98
CA HIS A 234 -25.64 2.33 26.47
C HIS A 234 -24.30 1.61 26.64
N PRO A 235 -24.10 0.86 27.73
CA PRO A 235 -22.85 0.13 27.88
C PRO A 235 -22.63 -0.96 26.84
N ILE A 236 -23.70 -1.48 26.21
CA ILE A 236 -23.54 -2.57 25.24
C ILE A 236 -22.80 -2.10 24.01
N VAL A 237 -22.90 -0.81 23.68
CA VAL A 237 -22.15 -0.24 22.56
C VAL A 237 -20.66 -0.32 22.84
N GLU A 238 -20.27 -0.13 24.10
CA GLU A 238 -18.86 -0.24 24.47
C GLU A 238 -18.34 -1.65 24.31
N LYS A 239 -19.13 -2.65 24.70
CA LYS A 239 -18.68 -4.03 24.56
C LYS A 239 -18.63 -4.44 23.10
N ILE A 240 -19.56 -3.96 22.29
CA ILE A 240 -19.55 -4.31 20.86
C ILE A 240 -18.29 -3.78 20.18
N LEU A 241 -17.87 -2.56 20.52
CA LEU A 241 -16.63 -2.01 19.96
C LEU A 241 -15.41 -2.81 20.43
N GLN A 242 -15.43 -3.34 21.65
CA GLN A 242 -14.36 -4.22 22.11
C GLN A 242 -14.36 -5.53 21.36
N TYR A 243 -15.54 -6.16 21.23
CA TYR A 243 -15.66 -7.43 20.51
C TYR A 243 -15.22 -7.28 19.05
N ARG A 244 -15.57 -6.15 18.43
CA ARG A 244 -15.28 -5.97 17.01
C ARG A 244 -13.79 -5.86 16.76
N GLU A 245 -13.07 -5.16 17.63
CA GLU A 245 -11.63 -5.05 17.44
C GLU A 245 -10.96 -6.42 17.52
N LEU A 246 -11.44 -7.29 18.42
CA LEU A 246 -10.79 -8.57 18.70
C LEU A 246 -11.02 -9.59 17.61
N THR A 247 -12.27 -9.71 17.14
CA THR A 247 -12.56 -10.68 16.08
C THR A 247 -11.93 -10.25 14.76
N LYS A 248 -11.85 -8.94 14.52
CA LYS A 248 -11.12 -8.44 13.36
C LYS A 248 -9.67 -8.90 13.39
N LEU A 249 -8.96 -8.61 14.48
CA LEU A 249 -7.56 -9.00 14.56
C LEU A 249 -7.41 -10.52 14.55
N LYS A 250 -8.34 -11.25 15.14
CA LYS A 250 -8.15 -12.69 15.21
C LYS A 250 -8.33 -13.33 13.84
N SER A 251 -9.44 -13.01 13.16
CA SER A 251 -9.75 -13.65 11.89
C SER A 251 -8.94 -13.12 10.71
N THR A 252 -8.32 -11.94 10.82
CA THR A 252 -7.51 -11.39 9.74
C THR A 252 -6.02 -11.62 9.94
N TYR A 253 -5.55 -11.70 11.17
CA TYR A 253 -4.10 -11.79 11.37
C TYR A 253 -3.72 -12.97 12.21
N ILE A 254 -4.27 -13.05 13.42
CA ILE A 254 -3.79 -14.06 14.36
C ILE A 254 -3.99 -15.46 13.80
N ASP A 255 -5.11 -15.72 13.14
CA ASP A 255 -5.44 -17.10 12.76
C ASP A 255 -4.93 -17.49 11.37
N PRO A 256 -5.02 -16.66 10.35
CA PRO A 256 -4.63 -17.16 9.03
C PRO A 256 -3.14 -17.06 8.72
N LEU A 257 -2.43 -16.15 9.37
CA LEU A 257 -1.03 -15.94 9.00
C LEU A 257 -0.15 -17.14 9.32
N PRO A 258 -0.28 -17.77 10.50
CA PRO A 258 0.56 -18.95 10.76
C PRO A 258 0.43 -20.05 9.71
N ASP A 259 -0.77 -20.26 9.16
CA ASP A 259 -1.00 -21.35 8.20
C ASP A 259 -0.51 -21.02 6.80
N LEU A 260 0.21 -19.89 6.64
CA LEU A 260 0.74 -19.44 5.36
C LEU A 260 2.26 -19.49 5.31
N ILE A 261 2.91 -20.13 6.28
CA ILE A 261 4.35 -20.26 6.21
C ILE A 261 4.69 -21.20 5.07
N HIS A 262 5.76 -20.88 4.34
CA HIS A 262 6.12 -21.69 3.18
C HIS A 262 6.99 -22.87 3.62
N PRO A 263 6.80 -24.05 3.02
CA PRO A 263 7.54 -25.23 3.49
C PRO A 263 9.02 -25.21 3.14
N ARG A 264 9.39 -24.70 1.96
CA ARG A 264 10.80 -24.61 1.63
C ARG A 264 11.47 -23.49 2.40
N THR A 265 10.86 -22.30 2.46
CA THR A 265 11.54 -21.17 3.10
C THR A 265 11.33 -21.09 4.60
N GLY A 266 10.26 -21.67 5.12
CA GLY A 266 9.94 -21.42 6.51
C GLY A 266 9.54 -20.00 6.82
N ARG A 267 9.20 -19.21 5.80
CA ARG A 267 8.86 -17.81 5.99
C ARG A 267 7.50 -17.49 5.34
N LEU A 268 7.09 -16.23 5.46
CA LEU A 268 5.82 -15.73 4.97
C LEU A 268 6.07 -14.82 3.77
N HIS A 269 5.38 -15.07 2.65
CA HIS A 269 5.67 -14.35 1.41
C HIS A 269 4.42 -13.62 0.94
N THR A 270 4.54 -12.31 0.77
CA THR A 270 3.46 -11.51 0.22
C THR A 270 3.69 -11.31 -1.26
N ARG A 271 2.74 -10.64 -1.91
CA ARG A 271 2.90 -10.19 -3.29
C ARG A 271 2.85 -8.68 -3.32
N PHE A 272 3.84 -8.05 -3.96
CA PHE A 272 3.83 -6.61 -4.15
C PHE A 272 3.33 -6.31 -5.55
N ASN A 273 2.16 -5.70 -5.62
CA ASN A 273 1.45 -5.46 -6.86
C ASN A 273 1.88 -4.10 -7.37
N GLN A 274 2.48 -4.09 -8.56
CA GLN A 274 3.14 -2.89 -9.03
C GLN A 274 2.24 -1.98 -9.84
N THR A 275 1.11 -2.49 -10.34
CA THR A 275 0.20 -1.71 -11.18
C THR A 275 -1.22 -1.84 -10.64
N ALA A 276 -1.42 -1.45 -9.38
CA ALA A 276 -2.67 -1.75 -8.74
C ALA A 276 -3.34 -0.55 -8.11
N THR A 277 -2.67 0.60 -8.00
CA THR A 277 -3.29 1.77 -7.42
C THR A 277 -3.37 2.89 -8.44
N ALA A 278 -4.33 3.78 -8.21
CA ALA A 278 -4.51 4.97 -9.04
C ALA A 278 -3.42 6.02 -8.83
N THR A 279 -2.70 6.01 -7.70
CA THR A 279 -1.77 7.10 -7.43
C THR A 279 -0.32 6.75 -7.74
N GLY A 280 0.02 5.48 -7.92
CA GLY A 280 1.41 5.08 -8.04
C GLY A 280 1.93 4.36 -6.82
N ARG A 281 1.18 4.32 -5.72
CA ARG A 281 1.59 3.48 -4.61
C ARG A 281 1.66 2.01 -5.03
N LEU A 282 2.48 1.24 -4.32
CA LEU A 282 2.36 -0.21 -4.44
C LEU A 282 1.19 -0.70 -3.61
N SER A 283 0.77 -1.94 -3.85
CA SER A 283 -0.14 -2.60 -2.93
C SER A 283 0.42 -3.98 -2.61
N SER A 284 -0.19 -4.62 -1.63
CA SER A 284 0.33 -5.88 -1.15
C SER A 284 -0.84 -6.83 -0.89
N SER A 285 -0.69 -8.09 -1.27
CA SER A 285 -1.81 -9.01 -1.13
C SER A 285 -1.35 -10.46 -1.00
N ASP A 286 -2.23 -11.27 -0.41
CA ASP A 286 -2.12 -12.72 -0.39
C ASP A 286 -0.88 -13.22 0.34
N PRO A 287 -0.63 -12.80 1.57
CA PRO A 287 -1.38 -11.89 2.43
C PRO A 287 -0.94 -10.46 2.22
N ASN A 288 -1.80 -9.52 2.61
CA ASN A 288 -1.45 -8.11 2.63
C ASN A 288 -0.59 -7.88 3.85
N LEU A 289 0.68 -7.58 3.65
CA LEU A 289 1.56 -7.29 4.76
C LEU A 289 1.70 -5.79 4.98
N GLN A 290 0.91 -5.00 4.26
CA GLN A 290 0.91 -3.55 4.43
C GLN A 290 -0.16 -3.05 5.39
N ASN A 291 -0.96 -3.93 6.03
CA ASN A 291 -1.90 -3.48 7.04
C ASN A 291 -1.84 -4.35 8.29
N ILE A 292 -0.65 -4.78 8.68
CA ILE A 292 -0.50 -5.48 9.96
C ILE A 292 -0.74 -4.48 11.09
N PRO A 293 -1.53 -4.83 12.10
CA PRO A 293 -1.92 -3.85 13.13
C PRO A 293 -0.75 -3.25 13.87
N VAL A 294 -1.02 -2.13 14.53
CA VAL A 294 0.04 -1.51 15.33
C VAL A 294 -0.53 -0.57 16.39
N ARG A 295 -1.72 -0.01 16.15
CA ARG A 295 -2.17 1.12 16.95
C ARG A 295 -2.66 0.71 18.33
N THR A 296 -3.38 -0.40 18.43
CA THR A 296 -3.93 -0.84 19.71
C THR A 296 -2.95 -1.74 20.44
N PRO A 297 -3.17 -1.99 21.73
CA PRO A 297 -2.27 -2.91 22.44
C PRO A 297 -2.32 -4.34 21.93
N LEU A 298 -3.50 -4.85 21.55
CA LEU A 298 -3.48 -6.18 20.96
C LEU A 298 -2.78 -6.14 19.62
N GLY A 299 -2.96 -5.05 18.86
CA GLY A 299 -2.27 -4.95 17.59
C GLY A 299 -0.77 -4.99 17.75
N GLN A 300 -0.25 -4.32 18.78
CA GLN A 300 1.19 -4.34 19.00
C GLN A 300 1.68 -5.76 19.25
N ARG A 301 0.95 -6.56 20.02
CA ARG A 301 1.33 -7.95 20.22
C ARG A 301 1.48 -8.69 18.90
N ILE A 302 0.65 -8.36 17.92
CA ILE A 302 0.70 -9.05 16.63
C ILE A 302 1.90 -8.60 15.81
N ARG A 303 2.16 -7.28 15.79
CA ARG A 303 3.30 -6.73 15.08
C ARG A 303 4.62 -7.34 15.60
N ARG A 304 4.66 -7.71 16.88
CA ARG A 304 5.82 -8.38 17.42
C ARG A 304 6.04 -9.79 16.89
N ALA A 305 5.05 -10.40 16.23
CA ALA A 305 5.35 -11.73 15.72
C ALA A 305 6.22 -11.72 14.47
N PHE A 306 6.46 -10.55 13.88
CA PHE A 306 7.34 -10.42 12.72
C PHE A 306 8.76 -10.18 13.21
N ILE A 307 9.64 -11.16 12.99
CA ILE A 307 10.93 -11.17 13.66
C ILE A 307 12.04 -11.42 12.65
N ALA A 308 13.27 -11.14 13.09
CA ALA A 308 14.46 -11.36 12.28
C ALA A 308 14.90 -12.82 12.36
N GLU A 309 15.45 -13.33 11.27
CA GLU A 309 16.06 -14.64 11.30
C GLU A 309 17.16 -14.70 12.35
N GLU A 310 17.48 -15.92 12.78
CA GLU A 310 18.53 -16.16 13.76
C GLU A 310 19.85 -15.52 13.34
N GLY A 311 20.31 -14.55 14.13
CA GLY A 311 21.56 -13.88 13.86
C GLY A 311 21.47 -12.60 13.07
N TRP A 312 20.27 -12.15 12.73
CA TRP A 312 20.07 -10.89 12.03
C TRP A 312 19.31 -9.91 12.91
N LEU A 313 19.12 -8.70 12.40
CA LEU A 313 18.25 -7.72 13.01
C LEU A 313 17.40 -7.07 11.93
N LEU A 314 16.19 -6.67 12.32
CA LEU A 314 15.36 -5.89 11.43
C LEU A 314 15.73 -4.42 11.54
N VAL A 315 15.84 -3.76 10.40
CA VAL A 315 16.02 -2.32 10.31
C VAL A 315 14.77 -1.72 9.68
N ALA A 316 14.15 -0.77 10.38
CA ALA A 316 12.95 -0.10 9.93
C ALA A 316 13.26 1.36 9.65
N LEU A 317 12.83 1.84 8.48
CA LEU A 317 13.07 3.21 8.04
C LEU A 317 11.75 3.81 7.54
N ASP A 318 11.43 5.01 8.03
CA ASP A 318 10.11 5.61 7.89
C ASP A 318 10.31 7.10 7.65
N TYR A 319 9.88 7.62 6.50
CA TYR A 319 9.93 9.05 6.23
C TYR A 319 9.00 9.80 7.19
N SER A 320 9.49 10.94 7.70
CA SER A 320 8.69 11.74 8.62
C SER A 320 7.83 12.74 7.86
N GLN A 321 6.55 12.85 8.26
CA GLN A 321 5.63 13.86 7.73
C GLN A 321 5.76 13.99 6.22
N ILE A 322 5.72 12.83 5.55
CA ILE A 322 6.24 12.77 4.19
C ILE A 322 5.36 13.58 3.23
N GLU A 323 4.04 13.36 3.27
CA GLU A 323 3.19 14.09 2.32
C GLU A 323 3.10 15.58 2.62
N LEU A 324 3.45 16.03 3.84
CA LEU A 324 3.49 17.47 4.10
C LEU A 324 4.73 18.11 3.50
N ARG A 325 5.88 17.44 3.58
CA ARG A 325 7.11 17.95 2.96
C ARG A 325 6.96 17.99 1.44
N VAL A 326 6.38 16.95 0.85
CA VAL A 326 6.09 16.96 -0.58
C VAL A 326 5.19 18.12 -0.91
N LEU A 327 4.20 18.36 -0.05
CA LEU A 327 3.25 19.46 -0.26
C LEU A 327 3.98 20.80 -0.27
N ALA A 328 4.89 21.00 0.69
CA ALA A 328 5.68 22.23 0.71
C ALA A 328 6.44 22.39 -0.59
N HIS A 329 7.05 21.33 -1.07
CA HIS A 329 7.79 21.42 -2.33
C HIS A 329 6.87 21.73 -3.50
N LEU A 330 5.72 21.04 -3.58
CA LEU A 330 4.83 21.19 -4.73
C LEU A 330 4.22 22.58 -4.80
N SER A 331 3.75 23.09 -3.65
CA SER A 331 3.12 24.40 -3.56
C SER A 331 4.15 25.53 -3.60
N GLY A 332 5.29 25.34 -2.96
CA GLY A 332 6.21 26.45 -2.79
C GLY A 332 5.81 27.40 -1.68
N ASP A 333 4.91 26.96 -0.80
CA ASP A 333 4.50 27.79 0.32
C ASP A 333 5.69 28.02 1.24
N GLU A 334 6.01 29.29 1.47
CA GLU A 334 7.21 29.61 2.23
C GLU A 334 7.05 29.29 3.71
N ASN A 335 5.90 29.64 4.28
CA ASN A 335 5.70 29.38 5.69
C ASN A 335 5.82 27.90 6.01
N LEU A 336 5.38 27.04 5.09
CA LEU A 336 5.42 25.59 5.31
C LEU A 336 6.82 25.04 5.10
N ILE A 337 7.55 25.53 4.09
CA ILE A 337 8.97 25.23 3.96
C ILE A 337 9.70 25.59 5.24
N ARG A 338 9.39 26.76 5.82
CA ARG A 338 10.10 27.21 7.02
C ARG A 338 9.82 26.30 8.20
N VAL A 339 8.67 25.62 8.20
CA VAL A 339 8.38 24.67 9.27
C VAL A 339 9.41 23.56 9.28
N PHE A 340 9.74 23.01 8.10
CA PHE A 340 10.63 21.86 8.01
C PHE A 340 12.10 22.28 7.96
N GLN A 341 12.39 23.46 7.43
CA GLN A 341 13.71 24.10 7.54
C GLN A 341 14.01 24.54 8.96
N GLU A 342 13.13 24.21 9.90
CA GLU A 342 13.35 24.47 11.32
C GLU A 342 13.01 23.25 12.16
N GLY A 343 12.87 22.09 11.55
CA GLY A 343 12.61 20.86 12.29
C GLY A 343 11.39 20.88 13.19
N ARG A 344 10.31 21.52 12.75
CA ARG A 344 9.04 21.48 13.48
C ARG A 344 8.24 20.24 13.10
N ASP A 345 7.38 19.81 14.03
CA ASP A 345 6.55 18.61 13.88
C ASP A 345 5.09 19.05 13.89
N ILE A 346 4.43 18.95 12.74
CA ILE A 346 3.05 19.43 12.63
C ILE A 346 2.03 18.43 13.20
N HIS A 347 2.38 17.15 13.34
CA HIS A 347 1.50 16.22 14.04
C HIS A 347 1.58 16.39 15.55
N THR A 348 2.77 16.69 16.11
CA THR A 348 2.83 16.93 17.56
C THR A 348 2.28 18.30 17.94
N GLU A 349 2.36 19.29 17.05
CA GLU A 349 1.76 20.59 17.33
C GLU A 349 0.24 20.52 17.28
N THR A 350 -0.31 19.94 16.20
CA THR A 350 -1.75 19.72 16.17
C THR A 350 -2.19 18.87 17.35
N ALA A 351 -1.35 17.95 17.81
CA ALA A 351 -1.74 17.12 18.95
C ALA A 351 -1.75 17.89 20.26
N SER A 352 -0.96 18.96 20.38
CA SER A 352 -0.94 19.75 21.61
C SER A 352 -2.12 20.72 21.67
N TRP A 353 -2.41 21.39 20.55
CA TRP A 353 -3.67 22.10 20.39
C TRP A 353 -4.84 21.19 20.73
N MET A 354 -4.84 19.96 20.20
CA MET A 354 -5.96 19.04 20.28
C MET A 354 -6.13 18.44 21.68
N PHE A 355 -5.07 18.43 22.49
CA PHE A 355 -5.14 17.88 23.84
C PHE A 355 -4.86 18.89 24.94
N GLY A 356 -4.39 20.09 24.61
CA GLY A 356 -4.09 21.10 25.60
C GLY A 356 -2.68 20.99 26.13
N VAL A 357 -2.17 19.78 26.23
CA VAL A 357 -0.89 19.46 26.88
C VAL A 357 0.27 20.13 26.16
N PRO A 358 1.40 20.38 26.83
CA PRO A 358 2.55 20.96 26.14
C PRO A 358 3.13 19.98 25.14
N ARG A 359 3.89 20.52 24.18
CA ARG A 359 4.47 19.69 23.14
C ARG A 359 5.29 18.56 23.75
N GLU A 360 5.99 18.84 24.85
CA GLU A 360 6.78 17.83 25.54
C GLU A 360 5.94 16.74 26.21
N ALA A 361 4.61 16.78 26.03
CA ALA A 361 3.72 15.85 26.70
C ALA A 361 2.91 14.97 25.76
N VAL A 362 2.90 15.23 24.46
CA VAL A 362 2.13 14.40 23.54
C VAL A 362 2.81 13.03 23.45
N ASP A 363 2.04 11.98 23.71
CA ASP A 363 2.56 10.62 23.64
C ASP A 363 2.00 9.91 22.42
N PRO A 364 2.60 8.78 22.00
CA PRO A 364 2.23 8.19 20.70
C PRO A 364 0.74 8.08 20.43
N LEU A 365 -0.08 7.69 21.42
CA LEU A 365 -1.51 7.58 21.19
C LEU A 365 -2.11 8.91 20.73
N MET A 366 -1.56 10.03 21.21
CA MET A 366 -2.08 11.34 20.84
C MET A 366 -1.62 11.77 19.46
N ARG A 367 -0.31 11.64 19.19
CA ARG A 367 0.23 12.03 17.89
C ARG A 367 -0.47 11.28 16.76
N ARG A 368 -0.77 10.00 16.99
CA ARG A 368 -1.50 9.21 15.99
C ARG A 368 -2.85 9.85 15.68
N ALA A 369 -3.52 10.38 16.69
CA ALA A 369 -4.82 11.00 16.47
C ALA A 369 -4.67 12.27 15.63
N ALA A 370 -3.63 13.05 15.90
CA ALA A 370 -3.43 14.27 15.14
C ALA A 370 -2.99 13.98 13.70
N LYS A 371 -2.37 12.82 13.46
CA LYS A 371 -2.03 12.47 12.07
C LYS A 371 -3.29 12.32 11.24
N THR A 372 -4.26 11.52 11.72
CA THR A 372 -5.47 11.36 10.95
C THR A 372 -6.25 12.68 10.85
N ILE A 373 -6.17 13.53 11.87
CA ILE A 373 -6.87 14.80 11.82
C ILE A 373 -6.23 15.71 10.77
N ASN A 374 -4.90 15.80 10.79
CA ASN A 374 -4.20 16.73 9.88
C ASN A 374 -4.38 16.31 8.44
N PHE A 375 -4.28 15.01 8.16
CA PHE A 375 -4.49 14.54 6.80
C PHE A 375 -5.96 14.55 6.44
N GLY A 376 -6.84 14.39 7.42
CA GLY A 376 -8.25 14.58 7.17
C GLY A 376 -8.56 15.98 6.70
N VAL A 377 -8.11 16.98 7.45
CA VAL A 377 -8.35 18.36 7.07
C VAL A 377 -7.72 18.65 5.72
N LEU A 378 -6.44 18.30 5.56
CA LEU A 378 -5.71 18.65 4.35
C LEU A 378 -6.48 18.26 3.08
N TYR A 379 -7.01 17.03 3.05
CA TYR A 379 -7.60 16.52 1.82
C TYR A 379 -9.07 16.80 1.70
N GLY A 380 -9.63 17.65 2.55
CA GLY A 380 -10.93 18.24 2.32
C GLY A 380 -12.05 17.81 3.24
N MET A 381 -11.76 17.29 4.42
CA MET A 381 -12.80 16.87 5.35
C MET A 381 -13.65 18.07 5.74
N SER A 382 -14.96 17.85 5.82
CA SER A 382 -15.88 18.96 6.06
C SER A 382 -15.77 19.44 7.50
N ALA A 383 -15.90 20.76 7.67
CA ALA A 383 -16.08 21.32 9.01
C ALA A 383 -17.01 20.47 9.86
N HIS A 384 -18.21 20.19 9.37
CA HIS A 384 -19.19 19.45 10.16
C HIS A 384 -18.63 18.11 10.63
N ARG A 385 -17.96 17.37 9.76
CA ARG A 385 -17.35 16.11 10.19
C ARG A 385 -16.23 16.34 11.20
N LEU A 386 -15.42 17.37 11.02
CA LEU A 386 -14.33 17.61 11.96
C LEU A 386 -14.86 17.93 13.35
N SER A 387 -15.95 18.72 13.42
CA SER A 387 -16.56 19.03 14.70
C SER A 387 -17.06 17.77 15.38
N GLN A 388 -17.43 16.76 14.61
CA GLN A 388 -17.84 15.50 15.21
C GLN A 388 -16.65 14.66 15.62
N GLU A 389 -15.51 14.81 14.95
CA GLU A 389 -14.32 14.07 15.38
C GLU A 389 -13.73 14.70 16.63
N LEU A 390 -13.44 16.01 16.59
CA LEU A 390 -12.79 16.69 17.70
C LEU A 390 -13.75 17.02 18.85
N ALA A 391 -15.05 16.82 18.68
CA ALA A 391 -16.04 17.19 19.68
C ALA A 391 -15.89 18.67 20.07
N ILE A 392 -16.21 19.52 19.09
CA ILE A 392 -16.14 20.97 19.26
C ILE A 392 -17.35 21.61 18.56
N PRO A 393 -17.57 22.92 18.64
CA PRO A 393 -18.60 23.55 17.82
C PRO A 393 -18.29 23.48 16.35
N TYR A 394 -19.29 23.77 15.53
CA TYR A 394 -19.09 23.75 14.09
C TYR A 394 -18.28 24.96 13.65
N GLU A 395 -18.56 26.13 14.20
CA GLU A 395 -17.79 27.31 13.84
C GLU A 395 -16.39 27.30 14.47
N GLU A 396 -16.18 26.44 15.48
CA GLU A 396 -14.84 26.22 16.00
C GLU A 396 -14.00 25.38 15.03
N ALA A 397 -14.64 24.42 14.37
CA ALA A 397 -13.97 23.60 13.38
C ALA A 397 -13.73 24.35 12.07
N GLN A 398 -14.64 25.26 11.71
CA GLN A 398 -14.41 26.13 10.55
C GLN A 398 -13.13 26.95 10.71
N ALA A 399 -12.83 27.38 11.93
CA ALA A 399 -11.64 28.20 12.17
C ALA A 399 -10.38 27.35 12.21
N PHE A 400 -10.45 26.17 12.84
CA PHE A 400 -9.35 25.23 12.76
C PHE A 400 -8.93 25.00 11.31
N ILE A 401 -9.93 24.87 10.43
CA ILE A 401 -9.66 24.69 9.01
C ILE A 401 -9.31 26.00 8.31
N GLU A 402 -9.75 27.14 8.84
CA GLU A 402 -9.26 28.38 8.25
C GLU A 402 -7.87 28.73 8.76
N ARG A 403 -7.58 28.44 10.04
CA ARG A 403 -6.23 28.68 10.56
C ARG A 403 -5.22 27.75 9.89
N TYR A 404 -5.61 26.50 9.66
CA TYR A 404 -4.76 25.51 9.02
C TYR A 404 -4.28 26.00 7.65
N PHE A 405 -5.19 26.44 6.80
CA PHE A 405 -4.81 26.91 5.47
C PHE A 405 -4.41 28.37 5.41
N GLN A 406 -4.66 29.15 6.48
CA GLN A 406 -4.15 30.52 6.50
C GLN A 406 -2.66 30.55 6.84
N SER A 407 -2.23 29.74 7.80
CA SER A 407 -0.80 29.69 8.12
C SER A 407 0.04 29.26 6.92
N PHE A 408 -0.58 28.67 5.89
CA PHE A 408 0.13 28.25 4.68
C PHE A 408 -0.69 28.64 3.47
N PRO A 409 -0.69 29.93 3.11
CA PRO A 409 -1.66 30.41 2.12
C PRO A 409 -1.44 29.87 0.72
N LYS A 410 -0.22 29.54 0.34
CA LYS A 410 0.01 29.17 -1.05
C LYS A 410 -0.51 27.78 -1.40
N VAL A 411 -0.97 27.00 -0.42
CA VAL A 411 -1.46 25.65 -0.72
C VAL A 411 -2.74 25.71 -1.52
N ARG A 412 -3.68 26.56 -1.11
CA ARG A 412 -4.97 26.64 -1.79
C ARG A 412 -4.82 27.18 -3.20
N ALA A 413 -3.82 28.03 -3.43
CA ALA A 413 -3.45 28.39 -4.78
C ALA A 413 -2.98 27.19 -5.58
N TRP A 414 -2.30 26.24 -4.92
CA TRP A 414 -1.84 25.07 -5.64
C TRP A 414 -2.96 24.07 -5.85
N ILE A 415 -3.84 23.89 -4.86
CA ILE A 415 -5.01 23.05 -5.07
C ILE A 415 -5.81 23.57 -6.28
N GLU A 416 -6.01 24.88 -6.34
CA GLU A 416 -6.79 25.42 -7.44
C GLU A 416 -6.04 25.28 -8.78
N LYS A 417 -4.75 25.60 -8.80
CA LYS A 417 -3.97 25.42 -10.02
C LYS A 417 -4.02 23.97 -10.48
N THR A 418 -3.87 23.03 -9.55
CA THR A 418 -3.95 21.62 -9.92
C THR A 418 -5.30 21.27 -10.53
N LEU A 419 -6.39 21.78 -9.96
CA LEU A 419 -7.72 21.44 -10.48
C LEU A 419 -7.94 22.04 -11.86
N GLU A 420 -7.67 23.33 -12.02
CA GLU A 420 -7.86 23.97 -13.32
C GLU A 420 -7.05 23.28 -14.40
N GLU A 421 -5.81 22.91 -14.09
CA GLU A 421 -4.99 22.23 -15.07
C GLU A 421 -5.56 20.87 -15.44
N GLY A 422 -6.18 20.18 -14.48
CA GLY A 422 -6.75 18.88 -14.76
C GLY A 422 -7.99 18.96 -15.63
N ARG A 423 -8.77 20.03 -15.50
CA ARG A 423 -9.91 20.21 -16.39
C ARG A 423 -9.47 20.39 -17.83
N ARG A 424 -8.32 21.03 -18.03
CA ARG A 424 -7.86 21.33 -19.39
C ARG A 424 -7.22 20.12 -20.04
N ARG A 425 -6.41 19.37 -19.30
CA ARG A 425 -5.71 18.24 -19.88
C ARG A 425 -6.39 16.92 -19.63
N GLY A 426 -7.40 16.87 -18.74
CA GLY A 426 -8.03 15.63 -18.36
C GLY A 426 -7.28 14.79 -17.34
N TYR A 427 -6.02 15.11 -17.05
CA TYR A 427 -5.23 14.36 -16.09
C TYR A 427 -4.47 15.31 -15.19
N VAL A 428 -4.03 14.78 -14.05
CA VAL A 428 -3.12 15.45 -13.13
C VAL A 428 -1.85 14.61 -13.01
N GLU A 429 -0.78 15.24 -12.54
CA GLU A 429 0.51 14.59 -12.60
C GLU A 429 1.28 14.85 -11.32
N THR A 430 2.17 13.91 -11.00
CA THR A 430 3.12 14.02 -9.90
C THR A 430 4.33 14.83 -10.35
N LEU A 431 5.30 14.93 -9.44
CA LEU A 431 6.52 15.69 -9.72
C LEU A 431 7.32 15.07 -10.85
N PHE A 432 7.22 13.77 -11.04
CA PHE A 432 7.97 13.14 -12.12
C PHE A 432 7.12 12.88 -13.36
N GLY A 433 5.88 13.33 -13.38
CA GLY A 433 5.02 13.15 -14.53
C GLY A 433 4.14 11.91 -14.51
N ARG A 434 4.05 11.19 -13.38
CA ARG A 434 3.05 10.14 -13.27
C ARG A 434 1.68 10.77 -13.33
N ARG A 435 0.78 10.22 -14.13
CA ARG A 435 -0.48 10.90 -14.36
C ARG A 435 -1.65 10.02 -13.97
N ARG A 436 -2.70 10.67 -13.46
CA ARG A 436 -3.99 10.05 -13.18
C ARG A 436 -5.05 10.79 -14.00
N TYR A 437 -5.77 10.05 -14.83
CA TYR A 437 -6.86 10.67 -15.58
C TYR A 437 -8.07 10.87 -14.68
N VAL A 438 -8.55 12.10 -14.58
CA VAL A 438 -9.71 12.39 -13.73
C VAL A 438 -10.83 13.01 -14.56
N PRO A 439 -11.64 12.21 -15.25
CA PRO A 439 -12.64 12.78 -16.16
C PRO A 439 -13.79 13.48 -15.44
N ASP A 440 -14.06 13.14 -14.19
CA ASP A 440 -15.26 13.70 -13.58
C ASP A 440 -15.07 15.15 -13.08
N LEU A 441 -13.96 15.81 -13.42
CA LEU A 441 -13.75 17.19 -12.94
C LEU A 441 -14.75 18.16 -13.56
N GLU A 442 -15.26 17.86 -14.74
CA GLU A 442 -16.30 18.68 -15.36
C GLU A 442 -17.67 18.06 -15.22
N ALA A 443 -17.82 17.09 -14.33
CA ALA A 443 -19.14 16.51 -14.06
C ALA A 443 -20.11 17.59 -13.66
N ARG A 444 -21.40 17.38 -14.00
CA ARG A 444 -22.44 18.36 -13.74
C ARG A 444 -23.20 18.11 -12.45
N VAL A 445 -23.11 16.91 -11.89
CA VAL A 445 -23.60 16.62 -10.55
C VAL A 445 -22.54 17.06 -9.55
N LYS A 446 -22.95 17.90 -8.59
CA LYS A 446 -21.96 18.50 -7.68
C LYS A 446 -21.20 17.43 -6.91
N SER A 447 -21.90 16.47 -6.33
CA SER A 447 -21.22 15.47 -5.51
C SER A 447 -20.19 14.69 -6.32
N VAL A 448 -20.57 14.23 -7.51
CA VAL A 448 -19.64 13.52 -8.38
C VAL A 448 -18.46 14.40 -8.73
N ARG A 449 -18.72 15.69 -8.93
CA ARG A 449 -17.63 16.59 -9.29
C ARG A 449 -16.71 16.82 -8.11
N GLU A 450 -17.24 17.06 -6.92
CA GLU A 450 -16.36 17.44 -5.84
C GLU A 450 -15.54 16.25 -5.35
N ALA A 451 -16.06 15.03 -5.52
CA ALA A 451 -15.25 13.84 -5.23
C ALA A 451 -14.08 13.73 -6.21
N ALA A 452 -14.37 13.93 -7.51
CA ALA A 452 -13.31 13.97 -8.52
C ALA A 452 -12.23 14.98 -8.13
N GLU A 453 -12.64 16.13 -7.59
CA GLU A 453 -11.69 17.17 -7.22
C GLU A 453 -10.80 16.74 -6.07
N ARG A 454 -11.35 15.98 -5.11
CA ARG A 454 -10.54 15.58 -3.97
C ARG A 454 -9.58 14.45 -4.34
N MET A 455 -10.05 13.48 -5.13
CA MET A 455 -9.11 12.51 -5.70
C MET A 455 -8.07 13.22 -6.56
N ALA A 456 -8.46 14.31 -7.22
CA ALA A 456 -7.55 14.92 -8.19
C ALA A 456 -6.40 15.61 -7.50
N PHE A 457 -6.65 16.38 -6.45
CA PHE A 457 -5.49 17.07 -5.90
C PHE A 457 -4.73 16.22 -4.88
N ASN A 458 -5.30 15.11 -4.43
CA ASN A 458 -4.55 14.22 -3.55
C ASN A 458 -3.49 13.45 -4.32
N MET A 459 -3.78 13.06 -5.55
CA MET A 459 -2.86 12.20 -6.31
C MET A 459 -1.47 12.80 -6.48
N PRO A 460 -1.28 14.03 -6.94
CA PRO A 460 0.09 14.55 -7.07
C PRO A 460 0.90 14.41 -5.80
N VAL A 461 0.31 14.65 -4.63
CA VAL A 461 1.14 14.62 -3.43
C VAL A 461 1.33 13.20 -2.91
N GLN A 462 0.32 12.34 -3.01
CA GLN A 462 0.55 10.98 -2.54
C GLN A 462 1.36 10.18 -3.55
N GLY A 463 1.20 10.46 -4.85
CA GLY A 463 1.99 9.78 -5.86
C GLY A 463 3.41 10.28 -5.97
N THR A 464 3.66 11.53 -5.58
CA THR A 464 5.04 12.00 -5.48
C THR A 464 5.77 11.28 -4.35
N ALA A 465 5.14 11.20 -3.18
CA ALA A 465 5.72 10.44 -2.09
C ALA A 465 6.00 9.00 -2.51
N ALA A 466 5.10 8.38 -3.26
CA ALA A 466 5.35 7.01 -3.70
C ALA A 466 6.47 6.95 -4.74
N ASP A 467 6.57 7.97 -5.58
CA ASP A 467 7.69 8.04 -6.52
C ASP A 467 9.03 8.12 -5.78
N LEU A 468 9.13 8.96 -4.75
CA LEU A 468 10.34 9.05 -3.95
C LEU A 468 10.69 7.68 -3.36
N MET A 469 9.70 7.03 -2.74
CA MET A 469 9.93 5.73 -2.10
C MET A 469 10.42 4.69 -3.10
N LYS A 470 9.78 4.64 -4.28
CA LYS A 470 10.19 3.62 -5.25
C LYS A 470 11.60 3.90 -5.73
N LEU A 471 11.92 5.16 -5.98
CA LEU A 471 13.25 5.50 -6.43
C LEU A 471 14.30 5.18 -5.37
N ALA A 472 13.99 5.49 -4.11
CA ALA A 472 14.90 5.12 -3.02
C ALA A 472 15.14 3.61 -3.00
N MET A 473 14.10 2.83 -3.26
CA MET A 473 14.27 1.38 -3.26
C MET A 473 15.17 0.90 -4.40
N VAL A 474 15.12 1.56 -5.57
CA VAL A 474 16.02 1.06 -6.61
C VAL A 474 17.46 1.54 -6.36
N LYS A 475 17.64 2.71 -5.73
CA LYS A 475 18.99 3.14 -5.38
C LYS A 475 19.55 2.36 -4.19
N LEU A 476 18.70 1.86 -3.29
CA LEU A 476 19.23 1.18 -2.11
C LEU A 476 19.54 -0.29 -2.38
N PHE A 477 18.70 -0.97 -3.17
CA PHE A 477 18.85 -2.42 -3.33
C PHE A 477 20.26 -2.88 -3.69
N PRO A 478 20.99 -2.25 -4.63
CA PRO A 478 22.38 -2.70 -4.89
C PRO A 478 23.33 -2.50 -3.73
N ARG A 479 23.19 -1.40 -2.99
CA ARG A 479 24.08 -1.18 -1.87
C ARG A 479 23.86 -2.21 -0.75
N LEU A 480 22.61 -2.64 -0.54
CA LEU A 480 22.37 -3.62 0.52
C LEU A 480 22.99 -4.97 0.18
N GLU A 481 23.04 -5.32 -1.10
CA GLU A 481 23.62 -6.60 -1.47
C GLU A 481 25.12 -6.65 -1.21
N GLU A 482 25.84 -5.54 -1.43
CA GLU A 482 27.25 -5.49 -1.02
C GLU A 482 27.40 -5.88 0.44
N MET A 483 26.59 -5.29 1.30
CA MET A 483 26.69 -5.52 2.74
C MET A 483 26.05 -6.82 3.17
N GLY A 484 25.50 -7.60 2.24
CA GLY A 484 24.83 -8.83 2.60
C GLY A 484 23.56 -8.65 3.40
N ALA A 485 22.80 -7.58 3.15
CA ALA A 485 21.51 -7.37 3.79
C ALA A 485 20.41 -7.54 2.74
N ARG A 486 19.16 -7.51 3.17
CA ARG A 486 18.08 -7.66 2.21
C ARG A 486 16.91 -6.79 2.55
N MET A 487 16.10 -6.53 1.52
CA MET A 487 14.87 -5.79 1.61
C MET A 487 13.72 -6.75 1.86
N LEU A 488 12.89 -6.43 2.86
CA LEU A 488 11.80 -7.33 3.21
C LEU A 488 10.44 -6.76 2.82
N LEU A 489 10.07 -5.60 3.37
CA LEU A 489 8.74 -5.06 3.17
C LEU A 489 8.87 -3.59 2.83
N GLN A 490 7.87 -3.09 2.09
CA GLN A 490 7.64 -1.66 1.92
C GLN A 490 6.22 -1.39 2.34
N VAL A 491 6.02 -0.43 3.23
CA VAL A 491 4.68 -0.01 3.64
C VAL A 491 4.53 1.47 3.33
N HIS A 492 4.58 1.79 2.04
CA HIS A 492 4.26 3.10 1.47
C HIS A 492 5.32 4.15 1.72
N ASP A 493 5.59 4.51 2.97
CA ASP A 493 6.65 5.48 3.22
C ASP A 493 7.74 4.86 4.11
N GLU A 494 7.74 3.55 4.20
CA GLU A 494 8.52 2.84 5.20
C GLU A 494 9.10 1.59 4.57
N LEU A 495 10.29 1.22 5.04
CA LEU A 495 11.00 0.04 4.56
C LEU A 495 11.42 -0.80 5.75
N VAL A 496 11.37 -2.12 5.58
CA VAL A 496 11.98 -3.02 6.55
C VAL A 496 13.06 -3.83 5.84
N LEU A 497 14.27 -3.81 6.42
CA LEU A 497 15.40 -4.57 5.92
C LEU A 497 15.80 -5.58 6.98
N GLU A 498 16.50 -6.62 6.54
CA GLU A 498 17.05 -7.63 7.42
C GLU A 498 18.57 -7.59 7.27
N ALA A 499 19.28 -7.44 8.39
CA ALA A 499 20.72 -7.30 8.28
C ALA A 499 21.43 -8.16 9.31
N PRO A 500 22.60 -8.69 8.95
CA PRO A 500 23.43 -9.39 9.94
C PRO A 500 23.70 -8.50 11.14
N LYS A 501 23.69 -9.12 12.32
CA LYS A 501 23.88 -8.40 13.58
C LYS A 501 25.11 -7.51 13.54
N GLU A 502 26.22 -8.05 13.08
CA GLU A 502 27.47 -7.31 13.06
C GLU A 502 27.58 -6.35 11.88
N ARG A 503 26.50 -6.14 11.14
CA ARG A 503 26.46 -5.10 10.13
C ARG A 503 25.23 -4.19 10.27
N ALA A 504 24.35 -4.46 11.23
CA ALA A 504 23.08 -3.75 11.27
C ALA A 504 23.31 -2.24 11.38
N GLU A 505 24.17 -1.80 12.31
CA GLU A 505 24.39 -0.38 12.48
C GLU A 505 24.85 0.27 11.18
N ALA A 506 25.60 -0.48 10.38
CA ALA A 506 26.10 0.06 9.12
C ALA A 506 24.97 0.18 8.11
N VAL A 507 24.10 -0.83 8.02
CA VAL A 507 23.04 -0.75 7.03
C VAL A 507 22.03 0.33 7.42
N ALA A 508 21.83 0.55 8.71
CA ALA A 508 20.89 1.59 9.12
C ALA A 508 21.40 2.96 8.70
N ARG A 509 22.59 3.32 9.16
CA ARG A 509 23.20 4.58 8.77
C ARG A 509 23.23 4.75 7.24
N LEU A 510 23.57 3.70 6.50
CA LEU A 510 23.58 3.82 5.05
C LEU A 510 22.18 4.04 4.49
N ALA A 511 21.26 3.13 4.79
CA ALA A 511 19.91 3.19 4.25
C ALA A 511 19.25 4.52 4.58
N LYS A 512 19.47 5.03 5.78
CA LYS A 512 18.93 6.32 6.16
C LYS A 512 19.33 7.39 5.16
N GLU A 513 20.58 7.39 4.74
CA GLU A 513 21.06 8.47 3.89
C GLU A 513 20.64 8.32 2.43
N VAL A 514 20.63 7.10 1.90
CA VAL A 514 20.13 6.91 0.54
C VAL A 514 18.69 7.41 0.43
N MET A 515 17.89 7.16 1.47
CA MET A 515 16.50 7.58 1.44
C MET A 515 16.38 9.09 1.56
N GLU A 516 17.19 9.70 2.42
CA GLU A 516 17.09 11.15 2.63
C GLU A 516 17.55 11.93 1.41
N GLY A 517 18.57 11.44 0.70
CA GLY A 517 19.06 12.15 -0.45
C GLY A 517 18.61 11.56 -1.77
N VAL A 518 17.47 10.86 -1.78
CA VAL A 518 16.98 10.22 -3.01
C VAL A 518 16.74 11.26 -4.10
N TYR A 519 16.21 12.42 -3.74
CA TYR A 519 15.87 13.44 -4.72
C TYR A 519 15.68 14.75 -3.98
N PRO A 520 16.74 15.56 -3.86
CA PRO A 520 16.66 16.75 -3.01
C PRO A 520 15.49 17.66 -3.37
N LEU A 521 14.72 18.02 -2.35
CA LEU A 521 13.56 18.90 -2.48
C LEU A 521 13.88 20.27 -1.90
N ALA A 522 12.85 21.12 -1.83
CA ALA A 522 12.97 22.42 -1.18
C ALA A 522 12.77 22.32 0.32
N VAL A 523 12.96 21.14 0.88
CA VAL A 523 12.68 20.85 2.29
C VAL A 523 13.49 19.60 2.59
N PRO A 524 14.16 19.52 3.74
CA PRO A 524 14.86 18.28 4.10
C PRO A 524 13.88 17.14 4.36
N LEU A 525 14.14 16.00 3.73
CA LEU A 525 13.53 14.74 4.14
C LEU A 525 14.29 14.20 5.34
N GLU A 526 13.60 14.06 6.46
CA GLU A 526 14.10 13.26 7.57
C GLU A 526 13.60 11.83 7.45
N VAL A 527 14.35 10.92 8.04
CA VAL A 527 13.95 9.53 8.17
C VAL A 527 14.19 9.11 9.61
N GLU A 528 13.26 8.38 10.21
CA GLU A 528 13.52 7.70 11.46
C GLU A 528 13.98 6.29 11.15
N VAL A 529 15.05 5.84 11.81
CA VAL A 529 15.49 4.46 11.67
C VAL A 529 15.53 3.82 13.05
N GLY A 530 15.36 2.51 13.08
CA GLY A 530 15.48 1.75 14.30
C GLY A 530 15.89 0.34 13.97
N ILE A 531 16.37 -0.36 14.98
CA ILE A 531 16.86 -1.73 14.85
C ILE A 531 16.27 -2.56 15.99
N GLY A 532 15.86 -3.80 15.69
CA GLY A 532 15.38 -4.65 16.75
C GLY A 532 15.23 -6.08 16.28
N GLU A 533 14.98 -6.97 17.25
CA GLU A 533 14.69 -8.36 16.92
C GLU A 533 13.30 -8.54 16.32
N ASP A 534 12.41 -7.56 16.43
CA ASP A 534 11.03 -7.67 15.93
C ASP A 534 10.60 -6.36 15.30
N TRP A 535 9.55 -6.44 14.46
CA TRP A 535 9.09 -5.26 13.71
C TRP A 535 8.72 -4.12 14.64
N LEU A 536 8.09 -4.42 15.78
CA LEU A 536 7.62 -3.36 16.67
C LEU A 536 8.78 -2.55 17.24
N SER A 537 9.78 -3.22 17.82
CA SER A 537 10.84 -2.47 18.51
C SER A 537 11.87 -1.89 17.55
N ALA A 538 11.92 -2.39 16.32
CA ALA A 538 12.59 -1.66 15.26
C ALA A 538 12.04 -0.23 15.13
N LYS A 539 10.72 -0.06 15.17
CA LYS A 539 10.16 1.28 14.95
C LYS A 539 10.36 2.19 16.16
N GLU A 540 11.36 1.88 16.98
CA GLU A 540 11.69 2.66 18.18
C GLU A 540 10.50 2.71 19.10
N1 DOC B 12 -1.83 4.55 5.67
C2 DOC B 12 -2.71 5.32 4.84
N3 DOC B 12 -3.95 5.71 5.36
C4 DOC B 12 -4.28 5.34 6.62
C5 DOC B 12 -3.39 4.57 7.47
C6 DOC B 12 -2.20 4.21 6.95
O2 DOC B 12 -2.35 5.59 3.71
N4 DOC B 12 -5.51 5.74 7.07
C1' DOC B 12 -0.48 4.11 5.19
C2' DOC B 12 0.57 5.26 5.29
C3' DOC B 12 1.40 4.84 6.49
C4' DOC B 12 1.36 3.34 6.34
O4' DOC B 12 0.00 3.06 5.96
C5' DOC B 12 1.60 2.59 7.62
O5' DOC B 12 0.67 2.96 8.57
P DOC B 12 0.48 1.99 9.85
OP1 DOC B 12 1.79 1.54 10.34
OP2 DOC B 12 -0.38 2.75 10.93
MG MG D . 6.12 8.55 7.92
C11 A1IDW E . 1.58 9.06 4.77
C12 A1IDW E . 2.52 8.26 5.63
C2 A1IDW E . -3.91 9.05 7.19
C27 A1IDW E . -1.60 8.65 6.59
C28 A1IDW E . -2.59 8.58 7.54
C29 A1IDW E . -2.32 8.04 8.87
C30 A1IDW E . -2.94 8.23 10.06
C31 A1IDW E . -2.26 7.39 11.01
C32 A1IDW E . -2.43 7.03 12.36
C33 A1IDW E . -1.60 6.07 12.88
C35 A1IDW E . -0.61 5.45 12.17
C36 A1IDW E . -0.43 5.79 10.84
C37 A1IDW E . -1.26 6.75 10.30
C4 A1IDW E . -3.05 9.65 4.95
C7 A1IDW E . -0.69 9.37 4.37
C8 A1IDW E . -0.03 10.75 4.50
C9 A1IDW E . 1.24 10.44 5.30
F34 A1IDW E . -1.80 5.69 14.17
N3 A1IDW E . -4.03 9.56 5.90
N6 A1IDW E . -1.81 9.19 5.34
O1 A1IDW E . -4.87 9.02 7.93
O10 A1IDW E . 2.27 11.41 5.07
O13 A1IDW E . 1.84 7.90 6.85
O15 A1IDW E . 4.02 7.52 7.93
O16 A1IDW E . 1.90 7.30 9.30
O17 A1IDW E . 2.59 9.56 8.39
O19 A1IDW E . 4.84 10.16 7.46
O20 A1IDW E . 3.12 11.98 7.83
O21 A1IDW E . 4.11 10.74 9.81
O23 A1IDW E . 6.14 11.40 10.89
O24 A1IDW E . 4.77 9.67 12.13
O25 A1IDW E . 5.92 9.06 9.98
O26 A1IDW E . 0.30 8.40 4.65
O38 A1IDW E . -1.28 7.14 8.98
O5 A1IDW E . -3.27 10.15 3.85
P14 A1IDW E . 2.64 7.97 8.21
P18 A1IDW E . 3.72 10.69 8.26
P22 A1IDW E . 5.28 10.16 10.79
C1 GOL F . -4.96 -12.25 5.97
O1 GOL F . -4.82 -13.55 5.42
C2 GOL F . -3.83 -11.36 5.54
O2 GOL F . -4.05 -10.87 4.23
C3 GOL F . -3.55 -10.21 6.49
O3 GOL F . -3.49 -9.04 5.69
#